data_6ZWP
#
_entry.id   6ZWP
#
_cell.length_a   64.991
_cell.length_b   74.138
_cell.length_c   75.793
_cell.angle_alpha   90.000
_cell.angle_beta   90.000
_cell.angle_gamma   90.000
#
_symmetry.space_group_name_H-M   'P 21 21 21'
#
loop_
_entity.id
_entity.type
_entity.pdbx_description
1 polymer 'Mitogen-activated protein kinase 14'
2 non-polymer 5-azanyl-~{N}-[[4-[[(2~{S})-4-cyclohexyl-1-[(4-fluorophenyl)amino]-1-oxidanylidene-butan-2-yl]carbamoyl]phenyl]methyl]-1-phenyl-pyrazole-4-carboxamide
3 water water
#
_entity_poly.entity_id   1
_entity_poly.type   'polypeptide(L)'
_entity_poly.pdbx_seq_one_letter_code
;GMSQERPTFYRQELNKTIWEVPERYQNLSPVGSGAYGSVCAAFDTKTGHRVAVKKLSRPFQSIIHAKRTYRELRLLKHMK
HENVIGLLDVFTPARSLEEFNDVYLVTHLMGADLNNIVKCQKLTDDHVQFLIYQILRGLKYIHSADIIHRDLKPSNLAVN
EDCELKILDFGLARHTDDEMTGYVATRWYRAPEIMLNWMHYNQTVDIWSVGCIMAELLTGRTLFPGTDHIDQLKLILRLV
GTPGAELLKKISSESARNYIQSLAQMPKMNFANVFIGANPLAVDLLEKMLVLDSDKRITAAQALAHAYFAQYHDPDDEPV
ADPYDQSFESRDLLIDEWKSLTYDEVISFVPPPLDQEEMES
;
_entity_poly.pdbx_strand_id   A
#
loop_
_chem_comp.id
_chem_comp.type
_chem_comp.name
_chem_comp.formula
OE8 non-polymer 5-azanyl-~{N}-[[4-[[(2~{S})-4-cyclohexyl-1-[(4-fluorophenyl)amino]-1-oxidanylidene-butan-2-yl]carbamoyl]phenyl]methyl]-1-phenyl-pyrazole-4-carboxamide 'C34 H37 F N6 O3'
#
# COMPACT_ATOMS: atom_id res chain seq x y z
N GLU A 5 22.04 -1.35 -27.66
CA GLU A 5 21.37 -1.81 -26.41
C GLU A 5 20.79 -0.59 -25.67
N ARG A 6 21.68 0.33 -25.27
CA ARG A 6 21.37 1.43 -24.31
C ARG A 6 20.66 2.56 -25.03
N PRO A 7 19.57 3.11 -24.45
CA PRO A 7 18.87 4.25 -25.05
C PRO A 7 19.69 5.56 -25.01
N THR A 8 19.20 6.55 -25.76
CA THR A 8 19.65 7.96 -25.70
C THR A 8 18.85 8.70 -24.62
N PHE A 9 19.55 9.22 -23.61
CA PHE A 9 18.96 10.06 -22.54
C PHE A 9 19.01 11.52 -23.00
N TYR A 10 18.15 12.34 -22.39
CA TYR A 10 18.15 13.82 -22.51
C TYR A 10 17.98 14.37 -21.09
N ARG A 11 18.60 15.53 -20.83
CA ARG A 11 18.62 16.17 -19.49
C ARG A 11 17.58 17.29 -19.49
N GLN A 12 17.09 17.66 -18.32
CA GLN A 12 16.05 18.70 -18.14
C GLN A 12 15.96 19.04 -16.65
N GLU A 13 15.81 20.33 -16.32
CA GLU A 13 15.64 20.83 -14.93
C GLU A 13 14.15 21.15 -14.72
N LEU A 14 13.54 20.64 -13.64
CA LEU A 14 12.06 20.63 -13.46
C LEU A 14 11.63 21.30 -12.14
N ASN A 15 12.29 21.02 -11.02
CA ASN A 15 12.04 21.73 -9.73
C ASN A 15 13.38 22.16 -9.13
N LYS A 16 14.23 22.81 -9.94
CA LYS A 16 15.70 22.93 -9.68
C LYS A 16 16.27 21.52 -9.50
N THR A 17 15.67 20.56 -10.22
CA THR A 17 15.95 19.11 -10.15
C THR A 17 16.37 18.63 -11.54
N ILE A 18 17.59 18.11 -11.69
CA ILE A 18 18.08 17.53 -12.97
C ILE A 18 17.36 16.19 -13.15
N TRP A 19 16.60 16.06 -14.25
CA TRP A 19 16.01 14.78 -14.70
C TRP A 19 16.76 14.32 -15.94
N GLU A 20 17.34 13.12 -15.89
CA GLU A 20 17.99 12.52 -17.08
C GLU A 20 17.26 11.24 -17.45
N VAL A 21 16.44 11.27 -18.52
CA VAL A 21 15.53 10.15 -18.91
C VAL A 21 15.75 9.78 -20.37
N PRO A 22 15.50 8.50 -20.75
CA PRO A 22 15.52 8.08 -22.15
C PRO A 22 14.55 8.91 -22.99
N GLU A 23 14.88 9.13 -24.27
CA GLU A 23 14.08 9.90 -25.25
C GLU A 23 12.67 9.29 -25.32
N ARG A 24 12.56 7.97 -25.15
CA ARG A 24 11.30 7.20 -25.01
C ARG A 24 10.23 8.05 -24.29
N TYR A 25 10.59 8.64 -23.14
CA TYR A 25 9.66 9.39 -22.23
C TYR A 25 9.71 10.87 -22.58
N GLN A 26 8.56 11.43 -22.98
CA GLN A 26 8.43 12.83 -23.48
C GLN A 26 7.47 13.62 -22.59
N ASN A 27 7.57 14.96 -22.67
CA ASN A 27 6.58 15.92 -22.12
C ASN A 27 6.45 15.73 -20.61
N LEU A 28 7.59 15.57 -19.93
CA LEU A 28 7.61 15.34 -18.46
C LEU A 28 6.99 16.54 -17.76
N SER A 29 6.01 16.29 -16.90
CA SER A 29 5.25 17.34 -16.17
C SER A 29 5.02 16.92 -14.73
N PRO A 30 5.57 17.66 -13.74
CA PRO A 30 5.48 17.28 -12.33
C PRO A 30 4.02 17.09 -11.84
N VAL A 31 3.72 15.96 -11.21
CA VAL A 31 2.36 15.58 -10.73
C VAL A 31 2.13 16.21 -9.35
N GLY A 34 3.43 18.43 -6.26
CA GLY A 34 4.76 17.92 -5.88
C GLY A 34 4.73 17.05 -4.62
N ALA A 35 3.57 16.49 -4.29
CA ALA A 35 3.33 15.72 -3.04
C ALA A 35 4.00 14.34 -3.11
N TYR A 36 3.88 13.66 -4.26
CA TYR A 36 4.11 12.19 -4.43
C TYR A 36 5.61 11.84 -4.40
N GLY A 37 6.45 12.85 -4.18
CA GLY A 37 7.91 12.75 -4.33
C GLY A 37 8.37 13.62 -5.50
N SER A 38 9.48 13.23 -6.12
CA SER A 38 9.91 13.70 -7.46
C SER A 38 9.24 12.81 -8.50
N VAL A 39 7.99 13.12 -8.89
CA VAL A 39 7.22 12.30 -9.86
C VAL A 39 6.76 13.21 -11.00
N CYS A 40 6.99 12.77 -12.23
CA CYS A 40 6.51 13.45 -13.46
C CYS A 40 5.59 12.53 -14.23
N ALA A 41 4.46 13.08 -14.70
CA ALA A 41 3.65 12.50 -15.79
C ALA A 41 4.48 12.62 -17.06
N ALA A 42 4.59 11.54 -17.82
CA ALA A 42 5.34 11.51 -19.10
C ALA A 42 4.51 10.79 -20.16
N PHE A 43 4.79 11.09 -21.41
CA PHE A 43 4.32 10.33 -22.57
C PHE A 43 5.36 9.25 -22.87
N ASP A 44 4.94 7.98 -22.89
CA ASP A 44 5.75 6.83 -23.34
C ASP A 44 5.53 6.65 -24.86
N THR A 45 6.54 7.02 -25.66
CA THR A 45 6.48 6.93 -27.14
C THR A 45 6.48 5.47 -27.61
N LYS A 46 6.89 4.52 -26.75
CA LYS A 46 6.91 3.07 -27.11
C LYS A 46 5.49 2.48 -27.05
N THR A 47 4.67 2.91 -26.09
CA THR A 47 3.32 2.36 -25.84
C THR A 47 2.24 3.31 -26.37
N GLY A 48 2.54 4.61 -26.46
CA GLY A 48 1.57 5.66 -26.77
C GLY A 48 0.72 6.04 -25.57
N HIS A 49 0.98 5.46 -24.40
CA HIS A 49 0.24 5.70 -23.12
C HIS A 49 1.04 6.64 -22.22
N ARG A 50 0.33 7.42 -21.41
CA ARG A 50 0.95 8.28 -20.36
C ARG A 50 1.49 7.37 -19.27
N VAL A 51 2.59 7.76 -18.63
CA VAL A 51 3.19 7.02 -17.50
C VAL A 51 3.58 8.02 -16.41
N ALA A 52 3.96 7.49 -15.25
CA ALA A 52 4.54 8.24 -14.12
C ALA A 52 6.02 7.85 -14.02
N VAL A 53 6.89 8.84 -13.93
CA VAL A 53 8.34 8.60 -13.72
C VAL A 53 8.69 9.22 -12.38
N LYS A 54 9.20 8.40 -11.49
N LYS A 54 9.15 8.40 -11.45
CA LYS A 54 9.66 8.78 -10.12
CA LYS A 54 9.63 8.86 -10.12
C LYS A 54 11.18 8.79 -10.12
C LYS A 54 11.16 8.80 -10.12
N LYS A 55 11.80 9.93 -9.84
CA LYS A 55 13.26 10.01 -9.58
C LYS A 55 13.44 9.81 -8.08
N LEU A 56 14.09 8.73 -7.67
CA LEU A 56 14.33 8.50 -6.22
C LEU A 56 15.15 9.67 -5.67
N SER A 57 14.75 10.17 -4.51
CA SER A 57 15.44 11.27 -3.78
C SER A 57 16.62 10.68 -3.00
N ARG A 58 17.84 11.07 -3.34
CA ARG A 58 19.05 10.76 -2.52
C ARG A 58 19.10 9.27 -2.22
N PRO A 59 19.01 8.39 -3.25
CA PRO A 59 18.75 6.98 -3.01
C PRO A 59 19.82 6.27 -2.16
N PHE A 60 21.07 6.74 -2.17
CA PHE A 60 22.23 6.11 -1.48
C PHE A 60 22.87 7.11 -0.52
N GLN A 61 22.06 8.00 0.08
CA GLN A 61 22.48 9.04 1.06
C GLN A 61 23.05 8.36 2.31
N SER A 62 22.51 7.20 2.67
CA SER A 62 22.80 6.49 3.95
C SER A 62 22.44 5.02 3.80
N ILE A 63 22.78 4.21 4.82
CA ILE A 63 22.43 2.76 4.87
C ILE A 63 20.91 2.63 4.74
N ILE A 64 20.17 3.44 5.51
CA ILE A 64 18.68 3.45 5.57
C ILE A 64 18.12 3.74 4.17
N HIS A 65 18.53 4.84 3.54
CA HIS A 65 18.07 5.19 2.17
C HIS A 65 18.42 4.07 1.21
N ALA A 66 19.64 3.55 1.30
CA ALA A 66 20.15 2.52 0.35
C ALA A 66 19.26 1.29 0.43
N LYS A 67 19.01 0.82 1.65
CA LYS A 67 18.13 -0.35 1.91
C LYS A 67 16.71 0.00 1.42
N ARG A 68 16.20 1.20 1.71
CA ARG A 68 14.85 1.64 1.26
C ARG A 68 14.76 1.59 -0.27
N THR A 69 15.77 2.12 -0.94
CA THR A 69 15.86 2.11 -2.43
C THR A 69 15.77 0.66 -2.91
N TYR A 70 16.63 -0.20 -2.38
CA TYR A 70 16.71 -1.63 -2.78
C TYR A 70 15.32 -2.26 -2.56
N ARG A 71 14.76 -2.04 -1.37
CA ARG A 71 13.45 -2.60 -0.95
C ARG A 71 12.37 -2.16 -1.94
N GLU A 72 12.31 -0.87 -2.27
CA GLU A 72 11.25 -0.36 -3.18
C GLU A 72 11.40 -1.04 -4.55
N LEU A 73 12.62 -1.15 -5.07
CA LEU A 73 12.84 -1.78 -6.41
C LEU A 73 12.52 -3.28 -6.37
N ARG A 74 12.95 -4.00 -5.34
CA ARG A 74 12.61 -5.43 -5.12
C ARG A 74 11.08 -5.61 -5.09
N LEU A 75 10.38 -4.77 -4.35
CA LEU A 75 8.92 -4.92 -4.16
C LEU A 75 8.22 -4.65 -5.50
N LEU A 76 8.60 -3.57 -6.18
CA LEU A 76 7.99 -3.16 -7.47
C LEU A 76 8.29 -4.21 -8.55
N LYS A 77 9.48 -4.78 -8.58
CA LYS A 77 9.83 -5.80 -9.60
C LYS A 77 8.99 -7.07 -9.39
N HIS A 78 8.62 -7.36 -8.13
CA HIS A 78 7.82 -8.56 -7.77
C HIS A 78 6.34 -8.41 -8.16
N MET A 79 5.75 -7.22 -8.02
CA MET A 79 4.27 -7.05 -8.09
C MET A 79 3.81 -7.20 -9.55
N LYS A 80 3.12 -8.30 -9.86
CA LYS A 80 2.45 -8.59 -11.16
C LYS A 80 0.98 -8.91 -10.91
N HIS A 81 0.18 -7.88 -10.66
CA HIS A 81 -1.25 -8.04 -10.31
C HIS A 81 -1.98 -6.76 -10.70
N GLU A 82 -3.16 -6.94 -11.29
CA GLU A 82 -4.06 -5.85 -11.75
C GLU A 82 -4.33 -4.82 -10.64
N ASN A 83 -4.34 -5.23 -9.36
CA ASN A 83 -4.79 -4.34 -8.25
C ASN A 83 -3.59 -3.91 -7.39
N VAL A 84 -2.36 -4.08 -7.88
CA VAL A 84 -1.13 -3.61 -7.21
C VAL A 84 -0.28 -2.87 -8.24
N ILE A 85 0.29 -1.75 -7.85
CA ILE A 85 1.19 -0.96 -8.73
C ILE A 85 2.31 -1.88 -9.19
N GLY A 86 2.66 -1.80 -10.48
CA GLY A 86 3.68 -2.65 -11.09
C GLY A 86 4.74 -1.80 -11.75
N LEU A 87 5.87 -2.40 -12.09
CA LEU A 87 7.01 -1.68 -12.68
C LEU A 87 6.99 -1.85 -14.21
N LEU A 88 6.77 -0.76 -14.94
CA LEU A 88 6.85 -0.76 -16.44
C LEU A 88 8.31 -0.65 -16.86
N ASP A 89 9.09 0.11 -16.10
CA ASP A 89 10.51 0.36 -16.45
C ASP A 89 11.24 0.84 -15.20
N VAL A 90 12.53 0.55 -15.16
CA VAL A 90 13.49 1.14 -14.22
C VAL A 90 14.73 1.44 -15.04
N PHE A 91 15.32 2.62 -14.86
CA PHE A 91 16.51 3.04 -15.61
C PHE A 91 17.38 3.93 -14.72
N THR A 92 18.66 4.00 -15.08
CA THR A 92 19.65 4.96 -14.54
C THR A 92 20.40 5.53 -15.74
N PRO A 93 20.76 6.83 -15.71
CA PRO A 93 21.64 7.37 -16.74
C PRO A 93 23.08 6.84 -16.62
N ALA A 94 23.40 6.13 -15.54
CA ALA A 94 24.75 5.59 -15.26
C ALA A 94 25.06 4.44 -16.22
N ARG A 95 26.26 4.45 -16.81
CA ARG A 95 26.76 3.40 -17.73
C ARG A 95 27.46 2.31 -16.92
N SER A 96 27.79 2.55 -15.65
CA SER A 96 28.57 1.62 -14.79
C SER A 96 28.09 1.68 -13.33
N LEU A 97 28.40 0.63 -12.55
CA LEU A 97 28.19 0.64 -11.08
C LEU A 97 28.93 1.85 -10.50
N GLU A 98 30.15 2.14 -11.00
CA GLU A 98 31.02 3.25 -10.53
C GLU A 98 30.24 4.57 -10.56
N GLU A 99 29.45 4.83 -11.61
CA GLU A 99 28.78 6.14 -11.85
C GLU A 99 27.30 6.10 -11.44
N PHE A 100 26.86 5.01 -10.79
CA PHE A 100 25.45 4.76 -10.38
C PHE A 100 25.07 5.61 -9.16
N ASN A 101 24.30 6.70 -9.33
CA ASN A 101 23.81 7.50 -8.18
C ASN A 101 22.32 7.88 -8.30
N ASP A 102 21.64 7.58 -9.41
CA ASP A 102 20.22 7.97 -9.58
C ASP A 102 19.43 6.77 -10.11
N VAL A 103 18.25 6.56 -9.54
CA VAL A 103 17.30 5.47 -9.92
C VAL A 103 15.98 6.14 -10.33
N TYR A 104 15.43 5.74 -11.47
CA TYR A 104 14.12 6.23 -11.95
C TYR A 104 13.20 5.04 -12.12
N LEU A 105 11.98 5.18 -11.63
CA LEU A 105 10.96 4.11 -11.65
C LEU A 105 9.84 4.58 -12.56
N VAL A 106 9.35 3.70 -13.42
CA VAL A 106 8.24 4.04 -14.35
C VAL A 106 7.07 3.13 -14.01
N THR A 107 5.93 3.73 -13.70
CA THR A 107 4.67 2.99 -13.38
C THR A 107 3.59 3.50 -14.30
N HIS A 108 2.42 2.87 -14.26
CA HIS A 108 1.18 3.43 -14.85
C HIS A 108 0.94 4.78 -14.17
N LEU A 109 0.38 5.74 -14.88
CA LEU A 109 -0.17 6.99 -14.30
C LEU A 109 -1.60 6.72 -13.83
N MET A 110 -1.88 6.91 -12.54
CA MET A 110 -3.25 6.73 -11.95
C MET A 110 -3.99 8.07 -11.99
N GLY A 111 -5.32 8.05 -12.01
CA GLY A 111 -6.15 9.25 -12.22
C GLY A 111 -6.33 10.06 -10.95
N ALA A 112 -6.59 9.40 -9.81
CA ALA A 112 -6.88 10.04 -8.51
C ALA A 112 -6.69 9.02 -7.38
N ASP A 113 -6.38 9.52 -6.18
CA ASP A 113 -6.32 8.71 -4.93
C ASP A 113 -7.74 8.60 -4.38
N LEU A 114 -8.00 7.56 -3.59
CA LEU A 114 -9.35 7.30 -3.03
C LEU A 114 -9.70 8.38 -2.00
N ASN A 115 -8.68 9.03 -1.41
CA ASN A 115 -8.86 10.16 -0.45
C ASN A 115 -9.58 11.31 -1.14
N ASN A 116 -9.30 11.51 -2.44
CA ASN A 116 -9.93 12.56 -3.28
C ASN A 116 -11.42 12.23 -3.49
N ILE A 117 -11.75 10.96 -3.79
CA ILE A 117 -13.13 10.55 -4.23
C ILE A 117 -14.07 10.55 -3.02
N LYS A 122 -20.67 10.75 -0.05
CA LYS A 122 -21.59 9.97 -0.92
C LYS A 122 -20.76 9.18 -1.95
N LEU A 123 -20.41 7.94 -1.61
CA LEU A 123 -20.14 6.84 -2.57
C LEU A 123 -21.31 5.85 -2.50
N THR A 124 -21.71 5.30 -3.66
CA THR A 124 -22.81 4.29 -3.74
C THR A 124 -22.29 2.96 -3.21
N ASP A 125 -23.19 2.07 -2.80
CA ASP A 125 -22.84 0.74 -2.22
C ASP A 125 -22.17 -0.12 -3.31
N ASP A 126 -22.62 0.00 -4.56
CA ASP A 126 -22.02 -0.69 -5.73
C ASP A 126 -20.51 -0.37 -5.76
N HIS A 127 -20.20 0.94 -5.76
CA HIS A 127 -18.80 1.44 -5.86
C HIS A 127 -18.01 0.94 -4.65
N VAL A 128 -18.61 1.00 -3.47
CA VAL A 128 -17.90 0.51 -2.25
C VAL A 128 -17.57 -0.97 -2.48
N GLN A 129 -18.53 -1.75 -3.02
CA GLN A 129 -18.37 -3.21 -3.22
C GLN A 129 -17.17 -3.46 -4.14
N PHE A 130 -17.15 -2.75 -5.27
CA PHE A 130 -16.16 -2.95 -6.35
C PHE A 130 -14.77 -2.48 -5.92
N LEU A 131 -14.71 -1.35 -5.17
CA LEU A 131 -13.45 -0.73 -4.67
C LEU A 131 -12.87 -1.62 -3.56
N ILE A 132 -13.66 -2.05 -2.58
CA ILE A 132 -13.12 -2.92 -1.49
C ILE A 132 -12.80 -4.31 -2.04
N TYR A 133 -13.61 -4.85 -2.97
CA TYR A 133 -13.28 -6.12 -3.67
C TYR A 133 -11.86 -6.02 -4.23
N GLN A 134 -11.59 -4.96 -4.99
CA GLN A 134 -10.28 -4.82 -5.69
C GLN A 134 -9.14 -4.68 -4.67
N ILE A 135 -9.37 -3.98 -3.55
CA ILE A 135 -8.33 -3.88 -2.48
C ILE A 135 -8.05 -5.29 -1.94
N LEU A 136 -9.09 -6.03 -1.57
CA LEU A 136 -8.90 -7.38 -0.98
C LEU A 136 -8.23 -8.32 -1.99
N ARG A 137 -8.57 -8.20 -3.27
CA ARG A 137 -7.97 -9.06 -4.32
C ARG A 137 -6.46 -8.76 -4.37
N GLY A 138 -6.09 -7.48 -4.35
CA GLY A 138 -4.68 -7.07 -4.30
C GLY A 138 -4.01 -7.53 -3.00
N LEU A 139 -4.70 -7.41 -1.87
CA LEU A 139 -4.09 -7.81 -0.56
C LEU A 139 -3.93 -9.32 -0.52
N LYS A 140 -4.87 -10.08 -1.09
CA LYS A 140 -4.72 -11.56 -1.15
C LYS A 140 -3.37 -11.85 -1.80
N TYR A 141 -3.10 -11.22 -2.93
CA TYR A 141 -1.86 -11.41 -3.72
C TYR A 141 -0.66 -11.01 -2.86
N ILE A 142 -0.65 -9.80 -2.30
CA ILE A 142 0.49 -9.25 -1.52
C ILE A 142 0.74 -10.19 -0.34
N HIS A 143 -0.31 -10.54 0.40
CA HIS A 143 -0.23 -11.38 1.62
C HIS A 143 0.29 -12.77 1.29
N SER A 144 -0.03 -13.30 0.10
CA SER A 144 0.39 -14.65 -0.36
C SER A 144 1.91 -14.72 -0.51
N ALA A 145 2.58 -13.58 -0.73
CA ALA A 145 4.06 -13.50 -0.84
C ALA A 145 4.68 -13.17 0.53
N ASP A 146 3.85 -13.11 1.57
CA ASP A 146 4.23 -12.77 2.98
C ASP A 146 4.71 -11.32 3.02
N ILE A 147 4.11 -10.47 2.19
CA ILE A 147 4.35 -9.01 2.23
C ILE A 147 3.17 -8.41 2.97
N ILE A 148 3.45 -7.56 3.95
CA ILE A 148 2.42 -6.78 4.67
C ILE A 148 2.58 -5.32 4.24
N HIS A 149 1.46 -4.67 3.90
CA HIS A 149 1.49 -3.26 3.43
C HIS A 149 1.89 -2.39 4.62
N ARG A 150 1.10 -2.44 5.69
CA ARG A 150 1.34 -1.77 6.99
C ARG A 150 0.92 -0.30 6.95
N ASP A 151 0.66 0.30 5.79
CA ASP A 151 0.34 1.75 5.73
C ASP A 151 -0.86 1.96 4.79
N LEU A 152 -1.82 1.04 4.78
CA LEU A 152 -3.02 1.22 3.95
C LEU A 152 -3.81 2.40 4.49
N LYS A 153 -4.16 3.29 3.59
CA LYS A 153 -4.97 4.51 3.86
C LYS A 153 -5.46 4.96 2.50
N PRO A 154 -6.50 5.82 2.44
CA PRO A 154 -7.06 6.23 1.15
C PRO A 154 -6.06 6.81 0.15
N SER A 155 -5.09 7.59 0.62
CA SER A 155 -4.09 8.26 -0.23
C SER A 155 -3.12 7.24 -0.86
N ASN A 156 -3.03 6.01 -0.32
CA ASN A 156 -2.17 4.92 -0.89
C ASN A 156 -2.98 4.00 -1.81
N LEU A 157 -4.20 4.40 -2.18
CA LEU A 157 -5.05 3.65 -3.12
C LEU A 157 -5.40 4.60 -4.26
N ALA A 158 -5.21 4.14 -5.49
CA ALA A 158 -5.42 4.98 -6.67
C ALA A 158 -6.40 4.29 -7.61
N VAL A 159 -7.23 5.08 -8.27
CA VAL A 159 -8.21 4.61 -9.28
C VAL A 159 -7.95 5.38 -10.56
N ASN A 160 -8.29 4.78 -11.70
CA ASN A 160 -8.49 5.51 -12.98
C ASN A 160 -9.98 5.88 -13.07
N GLU A 161 -10.39 6.59 -14.13
CA GLU A 161 -11.81 6.97 -14.36
C GLU A 161 -12.70 5.70 -14.43
N ASP A 162 -12.11 4.56 -14.79
CA ASP A 162 -12.80 3.24 -14.90
C ASP A 162 -13.03 2.59 -13.52
N CYS A 163 -12.68 3.26 -12.41
CA CYS A 163 -12.77 2.73 -11.02
C CYS A 163 -11.92 1.46 -10.85
N GLU A 164 -10.95 1.22 -11.75
CA GLU A 164 -9.93 0.16 -11.59
C GLU A 164 -8.92 0.65 -10.54
N LEU A 165 -8.77 -0.12 -9.46
CA LEU A 165 -8.01 0.32 -8.27
C LEU A 165 -6.64 -0.36 -8.23
N LYS A 166 -5.63 0.36 -7.77
CA LYS A 166 -4.30 -0.23 -7.49
C LYS A 166 -3.89 0.20 -6.08
N ILE A 167 -3.29 -0.75 -5.37
CA ILE A 167 -2.62 -0.51 -4.07
C ILE A 167 -1.22 -0.01 -4.36
N LEU A 168 -0.82 1.05 -3.68
CA LEU A 168 0.59 1.45 -3.72
C LEU A 168 1.01 1.97 -2.36
N ASP A 169 2.24 2.42 -2.25
CA ASP A 169 2.73 3.07 -1.02
C ASP A 169 3.59 4.26 -1.45
N PHE A 170 3.00 5.46 -1.38
CA PHE A 170 3.70 6.70 -1.82
C PHE A 170 4.74 7.06 -0.76
N GLY A 171 4.62 6.52 0.45
CA GLY A 171 5.40 6.92 1.62
C GLY A 171 5.00 8.29 2.14
N VAL A 184 -4.95 11.35 5.43
CA VAL A 184 -3.71 11.94 5.99
C VAL A 184 -3.06 10.93 6.94
N ALA A 185 -3.40 10.96 8.24
CA ALA A 185 -2.67 10.24 9.31
C ALA A 185 -2.78 8.72 9.12
N THR A 186 -1.64 8.06 9.00
CA THR A 186 -1.54 6.58 9.00
C THR A 186 -2.30 6.03 10.22
N ARG A 187 -2.14 6.65 11.39
CA ARG A 187 -2.61 6.10 12.70
C ARG A 187 -4.14 5.89 12.66
N TRP A 188 -4.86 6.74 11.93
CA TRP A 188 -6.34 6.63 11.76
C TRP A 188 -6.73 5.25 11.21
N TYR A 189 -5.88 4.63 10.38
CA TYR A 189 -6.16 3.36 9.66
C TYR A 189 -5.39 2.19 10.27
N ARG A 190 -4.65 2.42 11.34
CA ARG A 190 -3.69 1.41 11.86
C ARG A 190 -4.37 0.48 12.87
N ALA A 191 -4.03 -0.80 12.80
CA ALA A 191 -4.59 -1.87 13.66
C ALA A 191 -4.16 -1.61 15.10
N PRO A 192 -5.07 -1.83 16.06
CA PRO A 192 -4.79 -1.65 17.49
C PRO A 192 -3.49 -2.36 17.94
N GLU A 193 -3.23 -3.58 17.45
CA GLU A 193 -2.13 -4.44 17.96
C GLU A 193 -0.77 -3.86 17.54
N ILE A 194 -0.72 -2.96 16.55
CA ILE A 194 0.54 -2.27 16.18
C ILE A 194 0.41 -0.76 16.47
N MET A 195 -0.47 -0.38 17.39
CA MET A 195 -0.61 1.04 17.81
C MET A 195 0.51 1.38 18.82
N LEU A 196 1.03 0.37 19.54
CA LEU A 196 2.07 0.53 20.60
C LEU A 196 3.36 -0.17 20.17
N ASN A 197 3.38 -1.51 20.14
CA ASN A 197 4.58 -2.32 19.81
C ASN A 197 4.32 -3.11 18.52
N TRP A 198 5.38 -3.36 17.74
CA TRP A 198 5.33 -3.95 16.37
C TRP A 198 5.97 -5.34 16.37
N MET A 199 5.57 -6.21 17.31
CA MET A 199 6.01 -7.63 17.42
C MET A 199 4.83 -8.55 17.06
N HIS A 200 3.81 -8.60 17.93
CA HIS A 200 2.66 -9.55 17.87
C HIS A 200 1.63 -9.08 16.83
N TYR A 201 1.98 -9.13 15.55
CA TYR A 201 1.07 -8.75 14.46
C TYR A 201 1.30 -9.65 13.24
N ASN A 202 0.25 -9.80 12.43
CA ASN A 202 0.25 -10.64 11.22
C ASN A 202 -0.28 -9.79 10.07
N GLN A 203 -0.55 -10.44 8.94
CA GLN A 203 -1.02 -9.79 7.70
C GLN A 203 -2.34 -9.06 7.97
N THR A 204 -3.11 -9.48 8.98
CA THR A 204 -4.47 -8.92 9.20
C THR A 204 -4.41 -7.48 9.70
N VAL A 205 -3.24 -6.95 10.08
CA VAL A 205 -3.12 -5.46 10.29
C VAL A 205 -3.68 -4.72 9.05
N ASP A 206 -3.46 -5.26 7.85
CA ASP A 206 -3.94 -4.61 6.60
C ASP A 206 -5.47 -4.75 6.47
N ILE A 207 -6.04 -5.83 7.00
CA ILE A 207 -7.52 -6.02 6.95
C ILE A 207 -8.17 -4.98 7.86
N TRP A 208 -7.59 -4.70 9.03
CA TRP A 208 -8.10 -3.62 9.90
C TRP A 208 -8.17 -2.32 9.10
N SER A 209 -7.09 -2.01 8.36
CA SER A 209 -6.99 -0.79 7.54
C SER A 209 -8.13 -0.80 6.52
N VAL A 210 -8.34 -1.94 5.85
CA VAL A 210 -9.45 -2.10 4.86
C VAL A 210 -10.80 -1.81 5.53
N GLY A 211 -11.03 -2.32 6.73
CA GLY A 211 -12.24 -1.98 7.50
C GLY A 211 -12.43 -0.48 7.71
N CYS A 212 -11.38 0.24 8.08
CA CYS A 212 -11.42 1.70 8.36
C CYS A 212 -11.71 2.49 7.08
N ILE A 213 -11.15 2.02 5.98
CA ILE A 213 -11.31 2.65 4.65
C ILE A 213 -12.74 2.43 4.19
N MET A 214 -13.21 1.18 4.24
CA MET A 214 -14.58 0.81 3.83
C MET A 214 -15.61 1.61 4.64
N ALA A 215 -15.42 1.70 5.96
CA ALA A 215 -16.28 2.50 6.86
C ALA A 215 -16.39 3.94 6.30
N GLU A 216 -15.23 4.55 6.02
CA GLU A 216 -15.11 5.95 5.53
C GLU A 216 -15.82 6.08 4.19
N LEU A 217 -15.65 5.10 3.30
CA LEU A 217 -16.30 5.09 1.96
C LEU A 217 -17.82 5.06 2.12
N LEU A 218 -18.33 4.36 3.14
CA LEU A 218 -19.80 4.21 3.38
C LEU A 218 -20.37 5.46 4.06
N THR A 219 -19.63 6.10 4.96
CA THR A 219 -20.14 7.21 5.82
C THR A 219 -19.60 8.59 5.40
N GLY A 220 -18.53 8.63 4.60
CA GLY A 220 -17.80 9.87 4.27
C GLY A 220 -17.10 10.50 5.47
N ARG A 221 -16.90 9.76 6.57
CA ARG A 221 -16.19 10.24 7.80
C ARG A 221 -15.04 9.29 8.14
N THR A 222 -13.90 9.83 8.57
CA THR A 222 -12.82 9.01 9.21
C THR A 222 -13.48 8.23 10.36
N LEU A 223 -13.31 6.91 10.39
CA LEU A 223 -13.98 6.11 11.44
C LEU A 223 -13.33 6.43 12.80
N PHE A 224 -12.00 6.56 12.82
CA PHE A 224 -11.21 6.71 14.08
C PHE A 224 -10.18 7.82 13.95
N PRO A 225 -10.60 9.10 13.97
CA PRO A 225 -9.69 10.24 13.85
C PRO A 225 -8.96 10.57 15.17
N GLY A 226 -8.07 9.69 15.60
CA GLY A 226 -7.30 9.86 16.85
C GLY A 226 -6.27 10.95 16.70
N THR A 227 -6.06 11.75 17.73
CA THR A 227 -5.08 12.88 17.73
C THR A 227 -3.68 12.35 18.06
N ASP A 228 -3.59 11.09 18.50
CA ASP A 228 -2.32 10.43 18.90
C ASP A 228 -2.59 8.93 19.08
N HIS A 229 -1.59 8.16 19.48
CA HIS A 229 -1.67 6.68 19.56
C HIS A 229 -2.57 6.23 20.72
N ILE A 230 -2.66 7.02 21.80
CA ILE A 230 -3.53 6.70 22.97
C ILE A 230 -4.97 7.11 22.68
N ASP A 231 -5.21 8.33 22.17
CA ASP A 231 -6.54 8.79 21.73
C ASP A 231 -7.11 7.82 20.67
N GLN A 232 -6.27 7.39 19.73
CA GLN A 232 -6.64 6.41 18.67
C GLN A 232 -7.21 5.15 19.35
N LEU A 233 -6.44 4.55 20.27
CA LEU A 233 -6.86 3.32 21.00
C LEU A 233 -8.20 3.59 21.73
N LYS A 234 -8.38 4.80 22.28
CA LYS A 234 -9.64 5.20 22.98
C LYS A 234 -10.81 5.10 21.99
N LEU A 235 -10.68 5.70 20.80
CA LEU A 235 -11.77 5.78 19.78
C LEU A 235 -12.09 4.38 19.26
N ILE A 236 -11.07 3.54 19.08
CA ILE A 236 -11.25 2.14 18.60
C ILE A 236 -12.08 1.38 19.64
N LEU A 237 -11.63 1.39 20.89
CA LEU A 237 -12.27 0.62 21.96
C LEU A 237 -13.74 1.08 22.12
N ARG A 238 -13.99 2.39 21.95
CA ARG A 238 -15.37 2.95 22.00
C ARG A 238 -16.28 2.24 20.98
N LEU A 239 -15.77 1.83 19.81
CA LEU A 239 -16.56 1.07 18.80
C LEU A 239 -16.56 -0.43 19.12
N VAL A 240 -15.40 -1.04 19.27
CA VAL A 240 -15.29 -2.53 19.29
C VAL A 240 -15.45 -3.05 20.73
N GLY A 241 -15.42 -2.17 21.74
CA GLY A 241 -15.51 -2.54 23.16
C GLY A 241 -14.13 -2.89 23.70
N THR A 242 -13.93 -2.71 25.02
CA THR A 242 -12.68 -3.10 25.71
C THR A 242 -12.53 -4.62 25.59
N PRO A 243 -11.29 -5.16 25.53
CA PRO A 243 -11.10 -6.60 25.35
C PRO A 243 -11.73 -7.42 26.48
N GLY A 244 -12.23 -8.61 26.15
CA GLY A 244 -12.61 -9.63 27.14
C GLY A 244 -11.36 -10.20 27.80
N ALA A 245 -11.54 -11.03 28.83
CA ALA A 245 -10.44 -11.76 29.50
C ALA A 245 -9.66 -12.59 28.46
N GLU A 246 -10.39 -13.23 27.53
CA GLU A 246 -9.85 -14.04 26.40
C GLU A 246 -8.71 -13.29 25.69
N LEU A 247 -8.92 -12.02 25.35
CA LEU A 247 -7.94 -11.23 24.55
C LEU A 247 -6.92 -10.56 25.49
N LEU A 248 -7.36 -10.03 26.64
CA LEU A 248 -6.45 -9.39 27.63
C LEU A 248 -5.29 -10.31 28.00
N LYS A 249 -5.53 -11.63 28.02
CA LYS A 249 -4.53 -12.65 28.42
C LYS A 249 -3.45 -12.80 27.33
N LYS A 250 -3.68 -12.33 26.11
CA LYS A 250 -2.73 -12.49 24.98
C LYS A 250 -1.86 -11.23 24.83
N ILE A 251 -1.95 -10.27 25.77
CA ILE A 251 -1.18 -8.98 25.72
C ILE A 251 -0.02 -9.06 26.71
N SER A 252 1.22 -9.02 26.18
CA SER A 252 2.51 -9.12 26.90
C SER A 252 2.81 -7.82 27.67
N SER A 253 2.66 -6.66 27.01
CA SER A 253 3.02 -5.32 27.53
C SER A 253 2.17 -4.96 28.76
N GLU A 254 2.79 -4.82 29.93
CA GLU A 254 2.14 -4.29 31.17
C GLU A 254 1.57 -2.90 30.89
N SER A 255 2.33 -2.06 30.17
CA SER A 255 1.93 -0.69 29.73
C SER A 255 0.62 -0.75 28.96
N ALA A 256 0.60 -1.43 27.81
CA ALA A 256 -0.57 -1.59 26.92
C ALA A 256 -1.72 -2.27 27.67
N ARG A 257 -1.42 -3.34 28.41
CA ARG A 257 -2.42 -4.10 29.20
C ARG A 257 -2.96 -3.17 30.29
N ASN A 258 -2.05 -2.60 31.09
CA ASN A 258 -2.40 -1.70 32.23
C ASN A 258 -3.13 -0.48 31.69
N TYR A 259 -2.70 0.06 30.54
CA TYR A 259 -3.44 1.18 29.88
C TYR A 259 -4.89 0.75 29.64
N ILE A 260 -5.11 -0.22 28.74
CA ILE A 260 -6.45 -0.74 28.35
C ILE A 260 -7.27 -1.05 29.62
N GLN A 261 -6.67 -1.71 30.60
CA GLN A 261 -7.34 -1.99 31.90
C GLN A 261 -7.45 -0.67 32.69
N MET A 266 -16.15 1.08 26.66
CA MET A 266 -16.25 -0.21 27.39
C MET A 266 -17.09 -1.20 26.58
N PRO A 267 -18.39 -0.93 26.31
CA PRO A 267 -19.22 -1.89 25.58
C PRO A 267 -19.02 -1.83 24.05
N LYS A 268 -18.98 -3.00 23.41
CA LYS A 268 -19.01 -3.11 21.93
C LYS A 268 -20.33 -2.54 21.39
N MET A 269 -20.27 -1.60 20.46
CA MET A 269 -21.47 -0.98 19.85
C MET A 269 -22.05 -1.95 18.82
N ASN A 270 -23.34 -1.78 18.50
CA ASN A 270 -24.04 -2.45 17.37
C ASN A 270 -23.63 -1.75 16.07
N PHE A 271 -22.82 -2.40 15.25
CA PHE A 271 -22.31 -1.81 13.98
C PHE A 271 -23.50 -1.32 13.16
N ALA A 272 -24.61 -2.06 13.18
CA ALA A 272 -25.87 -1.75 12.48
C ALA A 272 -26.43 -0.39 12.92
N ASN A 273 -26.16 0.02 14.17
CA ASN A 273 -26.54 1.37 14.68
C ASN A 273 -25.56 2.40 14.13
N VAL A 274 -24.26 2.12 14.23
CA VAL A 274 -23.17 3.07 13.86
C VAL A 274 -23.20 3.32 12.35
N PHE A 275 -23.41 2.27 11.56
CA PHE A 275 -23.41 2.32 10.07
C PHE A 275 -24.85 2.18 9.58
N ILE A 276 -25.74 2.90 10.26
CA ILE A 276 -27.20 2.87 10.00
C ILE A 276 -27.42 3.17 8.50
N GLY A 277 -28.23 2.34 7.84
CA GLY A 277 -28.68 2.53 6.44
C GLY A 277 -27.75 1.89 5.43
N ALA A 278 -26.57 1.40 5.86
CA ALA A 278 -25.63 0.67 4.99
C ALA A 278 -26.32 -0.65 4.56
N ASN A 279 -25.76 -1.22 3.43
CA ASN A 279 -26.05 -2.63 3.07
C ASN A 279 -25.72 -3.45 4.30
N PRO A 280 -26.69 -4.19 4.87
CA PRO A 280 -26.42 -5.03 6.03
C PRO A 280 -25.26 -6.02 5.82
N LEU A 281 -24.96 -6.37 4.57
CA LEU A 281 -23.83 -7.29 4.23
C LEU A 281 -22.50 -6.52 4.38
N ALA A 282 -22.49 -5.20 4.12
CA ALA A 282 -21.33 -4.30 4.37
C ALA A 282 -21.10 -4.21 5.88
N VAL A 283 -22.17 -4.16 6.69
CA VAL A 283 -22.08 -4.07 8.17
C VAL A 283 -21.47 -5.38 8.69
N ASP A 284 -21.91 -6.51 8.15
CA ASP A 284 -21.44 -7.86 8.56
C ASP A 284 -19.95 -8.01 8.26
N LEU A 285 -19.53 -7.65 7.06
CA LEU A 285 -18.10 -7.73 6.67
C LEU A 285 -17.27 -6.81 7.59
N LEU A 286 -17.78 -5.61 7.87
CA LEU A 286 -17.10 -4.61 8.75
C LEU A 286 -16.88 -5.23 10.14
N GLU A 287 -17.85 -6.00 10.61
CA GLU A 287 -17.77 -6.66 11.94
C GLU A 287 -16.69 -7.73 11.90
N LYS A 288 -16.44 -8.36 10.74
CA LYS A 288 -15.42 -9.43 10.61
C LYS A 288 -14.03 -8.81 10.40
N MET A 289 -13.97 -7.56 9.95
CA MET A 289 -12.69 -6.85 9.65
C MET A 289 -12.21 -6.09 10.89
N LEU A 290 -13.13 -5.43 11.61
CA LEU A 290 -12.76 -4.58 12.78
C LEU A 290 -12.91 -5.40 14.06
N VAL A 291 -12.26 -6.55 14.10
CA VAL A 291 -12.14 -7.45 15.29
C VAL A 291 -10.82 -7.13 15.98
N LEU A 292 -10.88 -6.85 17.29
CA LEU A 292 -9.69 -6.47 18.11
C LEU A 292 -8.68 -7.62 18.06
N ASP A 293 -9.14 -8.85 18.25
CA ASP A 293 -8.30 -10.07 18.26
C ASP A 293 -7.80 -10.37 16.84
N SER A 294 -6.53 -10.08 16.55
CA SER A 294 -5.91 -10.23 15.21
C SER A 294 -5.91 -11.70 14.81
N ASP A 295 -5.94 -12.61 15.79
CA ASP A 295 -6.04 -14.07 15.53
C ASP A 295 -7.41 -14.43 14.93
N LYS A 296 -8.43 -13.60 15.14
CA LYS A 296 -9.84 -13.92 14.73
C LYS A 296 -10.29 -13.01 13.57
N ARG A 297 -9.44 -12.06 13.17
CA ARG A 297 -9.75 -11.12 12.08
C ARG A 297 -9.76 -11.91 10.76
N ILE A 298 -10.77 -11.67 9.94
CA ILE A 298 -10.94 -12.25 8.59
C ILE A 298 -9.69 -11.92 7.75
N THR A 299 -9.24 -12.88 6.96
CA THR A 299 -8.09 -12.70 6.02
C THR A 299 -8.65 -12.14 4.71
N ALA A 300 -7.78 -11.68 3.83
CA ALA A 300 -8.13 -11.17 2.49
C ALA A 300 -8.85 -12.28 1.72
N ALA A 301 -8.26 -13.48 1.69
CA ALA A 301 -8.81 -14.67 1.00
C ALA A 301 -10.25 -14.93 1.49
N GLN A 302 -10.46 -14.98 2.81
CA GLN A 302 -11.78 -15.26 3.43
C GLN A 302 -12.76 -14.13 3.09
N ALA A 303 -12.34 -12.87 3.20
CA ALA A 303 -13.19 -11.69 2.93
C ALA A 303 -13.68 -11.73 1.48
N LEU A 304 -12.85 -12.19 0.54
CA LEU A 304 -13.24 -12.25 -0.89
C LEU A 304 -14.46 -13.15 -1.07
N ALA A 305 -14.55 -14.21 -0.26
CA ALA A 305 -15.63 -15.22 -0.29
C ALA A 305 -16.86 -14.76 0.52
N HIS A 306 -16.83 -13.58 1.14
CA HIS A 306 -17.98 -12.98 1.88
C HIS A 306 -19.09 -12.60 0.88
N ALA A 307 -20.36 -12.77 1.29
CA ALA A 307 -21.57 -12.58 0.47
C ALA A 307 -21.59 -11.18 -0.14
N TYR A 308 -21.09 -10.17 0.58
CA TYR A 308 -21.08 -8.76 0.13
C TYR A 308 -20.64 -8.68 -1.38
N PHE A 309 -19.60 -9.56 -1.70
CA PHE A 309 -18.85 -9.53 -2.99
C PHE A 309 -19.39 -10.56 -3.99
N ALA A 310 -20.60 -11.07 -3.79
CA ALA A 310 -21.23 -12.10 -4.65
C ALA A 310 -21.19 -11.70 -6.14
N GLN A 311 -21.33 -10.40 -6.44
CA GLN A 311 -21.35 -9.86 -7.83
C GLN A 311 -19.95 -9.87 -8.46
N TYR A 312 -18.87 -9.93 -7.67
CA TYR A 312 -17.47 -9.68 -8.13
C TYR A 312 -16.46 -10.86 -7.82
N HIS A 313 -16.92 -11.77 -6.91
CA HIS A 313 -16.06 -12.88 -6.43
C HIS A 313 -15.97 -13.98 -7.51
N ASP A 314 -14.76 -14.30 -7.97
CA ASP A 314 -14.48 -15.48 -8.85
C ASP A 314 -13.25 -16.19 -8.30
N PRO A 315 -13.39 -17.35 -7.65
CA PRO A 315 -12.25 -18.06 -7.04
C PRO A 315 -11.13 -18.41 -8.03
N ASP A 316 -11.42 -18.34 -9.34
CA ASP A 316 -10.48 -18.72 -10.43
C ASP A 316 -9.78 -17.48 -11.01
N ASP A 317 -10.11 -16.28 -10.54
CA ASP A 317 -9.45 -15.00 -10.98
C ASP A 317 -9.08 -14.16 -9.76
N GLU A 318 -8.55 -14.81 -8.72
CA GLU A 318 -8.00 -14.16 -7.50
C GLU A 318 -6.64 -14.78 -7.24
N PRO A 319 -5.67 -14.48 -8.12
CA PRO A 319 -4.38 -15.17 -8.08
C PRO A 319 -3.57 -14.81 -6.83
N VAL A 320 -2.69 -15.73 -6.46
CA VAL A 320 -1.64 -15.58 -5.43
C VAL A 320 -0.33 -15.22 -6.15
N ALA A 321 0.64 -14.74 -5.39
CA ALA A 321 1.93 -14.23 -5.91
C ALA A 321 2.92 -15.40 -6.01
N ASP A 322 3.97 -15.20 -6.81
CA ASP A 322 5.20 -16.01 -6.76
C ASP A 322 5.85 -15.76 -5.41
N PRO A 323 6.72 -16.68 -4.92
CA PRO A 323 7.39 -16.47 -3.64
C PRO A 323 8.28 -15.22 -3.76
N TYR A 324 8.45 -14.54 -2.65
CA TYR A 324 9.21 -13.28 -2.57
C TYR A 324 10.31 -13.46 -1.54
N ASP A 325 11.55 -13.26 -1.98
CA ASP A 325 12.77 -13.39 -1.15
C ASP A 325 12.93 -12.13 -0.31
N GLN A 326 12.53 -12.21 0.95
CA GLN A 326 12.48 -11.13 1.95
C GLN A 326 13.68 -11.24 2.90
N SER A 327 14.59 -12.21 2.68
CA SER A 327 15.73 -12.51 3.58
C SER A 327 16.60 -11.24 3.75
N PHE A 328 16.69 -10.37 2.73
CA PHE A 328 17.50 -9.13 2.76
C PHE A 328 17.04 -8.22 3.91
N GLU A 329 15.77 -8.29 4.29
CA GLU A 329 15.20 -7.45 5.38
C GLU A 329 16.01 -7.62 6.67
N SER A 330 16.57 -8.81 6.90
CA SER A 330 17.28 -9.14 8.16
C SER A 330 18.74 -8.67 8.11
N ARG A 331 19.25 -8.30 6.92
CA ARG A 331 20.70 -8.04 6.72
C ARG A 331 21.03 -6.59 7.10
N ASP A 332 22.24 -6.39 7.65
CA ASP A 332 22.87 -5.09 7.95
C ASP A 332 24.11 -4.98 7.06
N LEU A 333 24.02 -4.25 5.96
CA LEU A 333 25.02 -4.18 4.86
C LEU A 333 25.44 -2.73 4.71
N LEU A 334 26.54 -2.49 4.00
CA LEU A 334 27.09 -1.13 3.74
C LEU A 334 26.32 -0.51 2.57
N ILE A 335 26.40 0.82 2.44
CA ILE A 335 25.76 1.59 1.35
C ILE A 335 26.20 1.00 0.01
N ASP A 336 27.48 0.67 -0.15
CA ASP A 336 28.01 0.20 -1.46
C ASP A 336 27.46 -1.19 -1.76
N GLU A 337 27.14 -1.94 -0.72
CA GLU A 337 26.55 -3.30 -0.86
C GLU A 337 25.11 -3.15 -1.34
N TRP A 338 24.30 -2.34 -0.64
CA TRP A 338 22.89 -2.08 -1.02
C TRP A 338 22.85 -1.47 -2.42
N LYS A 339 23.81 -0.61 -2.73
CA LYS A 339 23.88 0.11 -4.03
C LYS A 339 24.16 -0.89 -5.14
N SER A 340 25.09 -1.81 -4.93
CA SER A 340 25.47 -2.85 -5.91
C SER A 340 24.29 -3.81 -6.13
N LEU A 341 23.61 -4.22 -5.05
CA LEU A 341 22.39 -5.07 -5.16
C LEU A 341 21.33 -4.34 -5.98
N THR A 342 21.08 -3.06 -5.71
CA THR A 342 20.09 -2.25 -6.47
C THR A 342 20.49 -2.25 -7.95
N TYR A 343 21.77 -2.03 -8.26
CA TYR A 343 22.30 -1.96 -9.65
C TYR A 343 22.02 -3.27 -10.37
N ASP A 344 22.32 -4.41 -9.73
CA ASP A 344 22.02 -5.76 -10.27
C ASP A 344 20.54 -5.78 -10.68
N GLU A 345 19.65 -5.31 -9.79
CA GLU A 345 18.19 -5.39 -9.99
C GLU A 345 17.79 -4.46 -11.13
N VAL A 346 18.51 -3.36 -11.34
CA VAL A 346 18.24 -2.45 -12.49
C VAL A 346 18.60 -3.20 -13.79
N ILE A 347 19.76 -3.86 -13.80
CA ILE A 347 20.34 -4.52 -15.02
C ILE A 347 19.49 -5.74 -15.39
N SER A 348 18.96 -6.47 -14.40
CA SER A 348 18.25 -7.76 -14.63
C SER A 348 16.77 -7.50 -14.94
N PHE A 349 16.31 -6.25 -14.86
CA PHE A 349 14.88 -5.91 -15.05
C PHE A 349 14.44 -6.36 -16.45
N VAL A 350 13.32 -7.08 -16.54
CA VAL A 350 12.70 -7.51 -17.83
C VAL A 350 11.41 -6.72 -18.00
N PRO A 351 11.28 -5.87 -19.05
CA PRO A 351 10.04 -5.12 -19.25
C PRO A 351 8.86 -6.08 -19.34
N PRO A 352 7.67 -5.71 -18.83
CA PRO A 352 6.47 -6.51 -19.04
C PRO A 352 6.07 -6.41 -20.51
N PRO A 353 5.33 -7.39 -21.06
CA PRO A 353 4.75 -7.25 -22.39
C PRO A 353 3.83 -6.03 -22.55
N LEU A 354 3.60 -5.60 -23.79
CA LEU A 354 2.69 -4.49 -24.18
C LEU A 354 1.36 -5.07 -24.67
N1 OE8 B . 0.16 7.63 -10.56
C3 OE8 B . -0.91 9.53 -9.49
N2 OE8 B . 0.24 8.72 -9.71
C4 OE8 B . -1.75 9.25 -8.42
C9 OE8 B . 3.57 7.49 -9.12
C8 OE8 B . -1.18 10.59 -10.33
C7 OE8 B . -2.28 11.41 -10.09
C6 OE8 B . -3.10 11.15 -9.00
C5 OE8 B . -2.85 10.06 -8.18
C10 OE8 B . 5.54 6.05 -9.19
C12 OE8 B . 4.31 4.96 -7.27
C13 OE8 B . 4.27 4.11 -6.18
C14 OE8 B . 5.40 3.40 -5.80
C15 OE8 B . 6.58 3.56 -6.53
C16 OE8 B . 6.62 4.42 -7.61
C17 OE8 B . 5.25 2.43 -4.67
C20 OE8 B . 5.55 -1.07 -3.79
C22 OE8 B . 4.71 -2.54 -1.90
C23 OE8 B . 3.54 -2.91 -1.00
C24 OE8 B . 2.28 -3.15 -1.81
C32 OE8 B . 8.12 4.35 1.94
C31 OE8 B . 9.43 4.63 1.66
C30 OE8 B . 10.01 4.31 0.46
C28 OE8 B . 7.89 3.43 -0.26
C26 OE8 B . 3.13 -1.59 -3.57
C25 OE8 B . 1.96 -1.95 -2.67
C18 OE8 B . 6.37 1.17 -2.89
F OE8 B . 10.17 5.28 2.59
C29 OE8 B . 9.24 3.70 -0.51
C33 OE8 B . 7.34 3.75 0.97
N5 OE8 B . 7.12 2.79 -1.26
C27 OE8 B . 7.41 1.64 -1.88
O2 OE8 B . 8.44 0.99 -1.69
C19 OE8 B . 6.71 -0.27 -3.26
C21 OE8 B . 4.42 -1.35 -2.80
N4 OE8 B . 6.39 2.05 -4.05
O1 OE8 B . 4.14 2.03 -4.33
C11 OE8 B . 5.48 5.12 -8.00
N3 OE8 B . 4.22 6.46 -9.65
O OE8 B . 4.06 8.21 -8.23
C1 OE8 B . 2.21 7.73 -9.61
C2 OE8 B . 1.35 7.05 -10.48
C OE8 B . 1.48 8.81 -9.13
N OE8 B . 1.84 9.80 -8.29
#